data_5AWJ
#
_entry.id   5AWJ
#
_cell.length_a   153.477
_cell.length_b   43.447
_cell.length_c   42.317
_cell.angle_alpha   90.00
_cell.angle_beta   100.53
_cell.angle_gamma   90.00
#
_symmetry.space_group_name_H-M   'C 1 2 1'
#
loop_
_entity.id
_entity.type
_entity.pdbx_description
1 polymer 'Vitamin D3 receptor,Vitamin D3 receptor'
2 polymer 'Mediator of RNA polymerase II transcription subunit 1'
3 non-polymer (1R,3R)-5-[(2E)-2-[(1R,3aS,7aR)-1-[(2R,3S)-3-(2-hydroxyethyl)nonan-2-yl]-7a-methyl-2,3,3a,5,6,7-hexahydro-1H-inden-4-ylidene]ethylidene]-2-methylidene-cyclohexane-1,3-diol
4 water water
#
loop_
_entity_poly.entity_id
_entity_poly.type
_entity_poly.pdbx_seq_one_letter_code
_entity_poly.pdbx_strand_id
1 'polypeptide(L)'
;GSHMGSPNSPLKDSLRPKLSEEQQHIIAILLDAHHKTYDPTYADFRDFRPPVRMDGSTGSVTLDLSPLSMLPHLADLVSY
SIQKVIGFAKMIPGFRDLTSDDQIVLLKSSAIEVIMLRSNQSFTMDDMSWDCGSQDYKYDVTDVSKAGHTLELIEPLIKF
QVGLKKLNLHEEEHVLLMAICIVSPDRPGVQDAKLVEAIQDRLSNTLQTYIRCRHPPPGSHQLYAKMIQKLADLRSLNEE
HSKQYRSLSFQPENSMKLTPLVLEVFGNEIS
;
A
2 'polypeptide(L)' KNHPMLMNLLKDN C
#
loop_
_chem_comp.id
_chem_comp.type
_chem_comp.name
_chem_comp.formula
YSL non-polymer (1R,3R)-5-[(2E)-2-[(1R,3aS,7aR)-1-[(2R,3S)-3-(2-hydroxyethyl)nonan-2-yl]-7a-methyl-2,3,3a,5,6,7-hexahydro-1H-inden-4-ylidene]ethylidene]-2-methylidene-cyclohexane-1,3-diol 'C30 H50 O3'
#
# COMPACT_ATOMS: atom_id res chain seq x y z
N LYS A 18 -9.89 -27.34 -7.33
CA LYS A 18 -8.62 -26.78 -7.89
C LYS A 18 -7.88 -25.95 -6.82
N LEU A 19 -8.58 -25.51 -5.77
CA LEU A 19 -7.95 -24.76 -4.67
C LEU A 19 -7.01 -25.67 -3.85
N SER A 20 -5.80 -25.92 -4.38
CA SER A 20 -4.80 -26.80 -3.72
C SER A 20 -4.60 -26.38 -2.28
N GLU A 21 -4.09 -27.29 -1.47
CA GLU A 21 -3.94 -27.04 -0.01
C GLU A 21 -2.84 -26.06 0.39
N GLU A 22 -1.76 -26.12 -0.40
CA GLU A 22 -0.68 -25.16 -0.30
C GLU A 22 -1.18 -23.71 -0.56
N GLN A 23 -2.35 -23.58 -1.20
CA GLN A 23 -2.92 -22.27 -1.59
C GLN A 23 -3.81 -21.74 -0.47
N GLN A 24 -4.58 -22.61 0.15
CA GLN A 24 -5.51 -22.22 1.21
C GLN A 24 -4.70 -21.86 2.43
N HIS A 25 -3.45 -22.32 2.44
CA HIS A 25 -2.51 -21.99 3.48
C HIS A 25 -1.96 -20.59 3.26
N ILE A 26 -1.49 -20.35 2.05
CA ILE A 26 -1.08 -19.00 1.61
C ILE A 26 -2.13 -17.97 2.00
N ILE A 27 -3.41 -18.30 1.75
CA ILE A 27 -4.51 -17.37 2.01
C ILE A 27 -4.62 -17.11 3.48
N ALA A 28 -4.61 -18.19 4.24
CA ALA A 28 -4.69 -18.05 5.67
C ALA A 28 -3.53 -17.21 6.22
N ILE A 29 -2.32 -17.44 5.70
CA ILE A 29 -1.14 -16.67 6.10
C ILE A 29 -1.31 -15.17 5.83
N LEU A 30 -1.80 -14.87 4.63
CA LEU A 30 -1.96 -13.50 4.21
C LEU A 30 -3.08 -12.83 4.96
N LEU A 31 -4.19 -13.52 5.22
CA LEU A 31 -5.25 -12.93 6.05
C LEU A 31 -4.74 -12.66 7.45
N ASP A 32 -4.04 -13.61 8.03
CA ASP A 32 -3.63 -13.40 9.41
C ASP A 32 -2.64 -12.25 9.47
N ALA A 33 -1.68 -12.25 8.56
CA ALA A 33 -0.81 -11.09 8.30
C ALA A 33 -1.50 -9.73 8.27
N HIS A 34 -2.56 -9.64 7.48
CA HIS A 34 -3.29 -8.41 7.35
C HIS A 34 -4.00 -8.04 8.64
N HIS A 35 -4.61 -9.03 9.30
CA HIS A 35 -5.28 -8.83 10.60
C HIS A 35 -4.32 -8.29 11.64
N LYS A 36 -3.14 -8.87 11.71
CA LYS A 36 -2.08 -8.33 12.55
C LYS A 36 -1.49 -6.96 12.19
N THR A 37 -1.72 -6.44 10.97
CA THR A 37 -1.17 -5.13 10.56
C THR A 37 -2.22 -4.07 10.19
N TYR A 38 -3.49 -4.40 10.36
CA TYR A 38 -4.50 -3.40 10.06
C TYR A 38 -5.55 -3.36 11.16
N ASP A 39 -5.47 -2.35 12.01
CA ASP A 39 -6.43 -2.14 13.07
C ASP A 39 -7.60 -1.30 12.51
N PRO A 40 -8.76 -1.94 12.23
CA PRO A 40 -9.95 -1.16 11.79
C PRO A 40 -10.51 -0.19 12.82
N THR A 41 -10.03 -0.22 14.06
CA THR A 41 -10.45 0.76 15.06
C THR A 41 -9.63 2.06 14.96
N TYR A 42 -8.43 2.01 14.38
CA TYR A 42 -7.56 3.18 14.17
C TYR A 42 -7.10 3.87 15.46
N ALA A 43 -7.00 3.06 16.50
CA ALA A 43 -6.62 3.52 17.82
C ALA A 43 -5.27 4.28 17.87
N ASP A 44 -4.26 3.79 17.13
CA ASP A 44 -2.90 4.40 17.13
C ASP A 44 -2.80 5.83 16.58
N PHE A 45 -3.84 6.29 15.91
CA PHE A 45 -3.81 7.57 15.20
C PHE A 45 -3.70 8.75 16.19
N ARG A 46 -4.01 8.50 17.46
CA ARG A 46 -3.90 9.53 18.49
C ARG A 46 -2.42 9.89 18.85
N ASP A 47 -1.48 9.04 18.44
CA ASP A 47 -0.06 9.25 18.64
C ASP A 47 0.50 10.23 17.60
N PHE A 48 -0.20 10.40 16.49
CA PHE A 48 0.32 11.22 15.39
C PHE A 48 0.19 12.65 15.80
N ARG A 49 1.11 13.47 15.32
CA ARG A 49 1.00 14.91 15.42
C ARG A 49 -0.40 15.32 14.98
N PRO A 50 -1.01 16.30 15.68
CA PRO A 50 -2.44 16.54 15.47
C PRO A 50 -2.74 17.01 14.07
N PRO A 51 -3.95 16.68 13.56
CA PRO A 51 -4.37 17.25 12.28
C PRO A 51 -4.74 18.73 12.43
N VAL A 52 -4.44 19.54 11.41
CA VAL A 52 -4.77 20.98 11.43
C VAL A 52 -5.55 21.37 10.14
N ARG A 53 -6.85 21.61 10.31
CA ARG A 53 -7.74 22.13 9.24
C ARG A 53 -8.13 23.61 9.50
N MET A 54 -7.53 24.52 8.71
CA MET A 54 -7.73 25.99 8.81
C MET A 54 -6.92 26.60 9.94
N SER A 66 -1.05 27.34 8.46
CA SER A 66 -1.90 27.48 7.29
C SER A 66 -1.43 26.58 6.14
N PRO A 67 -0.36 26.99 5.48
CA PRO A 67 0.19 26.23 4.36
C PRO A 67 0.69 24.89 4.89
N LEU A 68 0.43 23.80 4.17
CA LEU A 68 0.94 22.51 4.60
C LEU A 68 0.48 22.22 6.02
N SER A 69 -0.74 22.63 6.33
CA SER A 69 -1.29 22.45 7.66
C SER A 69 -1.41 20.98 8.00
N MET A 70 -1.77 20.18 7.00
CA MET A 70 -1.97 18.75 7.19
C MET A 70 -0.70 17.90 7.06
N LEU A 71 0.40 18.48 6.63
CA LEU A 71 1.61 17.68 6.41
C LEU A 71 2.12 16.83 7.60
N PRO A 72 2.33 17.45 8.77
CA PRO A 72 2.81 16.65 9.92
C PRO A 72 1.91 15.45 10.25
N HIS A 73 0.59 15.64 10.26
CA HIS A 73 -0.30 14.55 10.63
C HIS A 73 -0.28 13.43 9.57
N LEU A 74 -0.33 13.81 8.30
CA LEU A 74 -0.31 12.82 7.20
C LEU A 74 1.05 12.18 6.99
N ALA A 75 2.12 12.94 7.24
CA ALA A 75 3.48 12.35 7.22
C ALA A 75 3.57 11.25 8.25
N ASP A 76 2.99 11.50 9.44
CA ASP A 76 2.88 10.46 10.50
C ASP A 76 2.04 9.28 10.07
N LEU A 77 0.92 9.54 9.40
CA LEU A 77 0.04 8.41 9.01
C LEU A 77 0.75 7.48 7.97
N VAL A 78 1.39 8.12 7.01
CA VAL A 78 2.10 7.41 5.98
C VAL A 78 3.20 6.57 6.59
N SER A 79 3.96 7.15 7.51
CA SER A 79 5.14 6.51 8.12
C SER A 79 4.68 5.30 8.91
N TYR A 80 3.63 5.49 9.70
CA TYR A 80 2.96 4.39 10.37
C TYR A 80 2.54 3.30 9.36
N SER A 81 1.89 3.75 8.28
CA SER A 81 1.41 2.83 7.24
C SER A 81 2.56 2.06 6.63
N ILE A 82 3.68 2.72 6.40
CA ILE A 82 4.85 2.02 5.89
C ILE A 82 5.30 0.94 6.88
N GLN A 83 5.35 1.25 8.17
CA GLN A 83 5.70 0.21 9.12
C GLN A 83 4.82 -0.96 8.96
N LYS A 84 3.53 -0.68 8.81
CA LYS A 84 2.52 -1.76 8.82
C LYS A 84 2.65 -2.60 7.54
N VAL A 85 2.94 -1.94 6.41
CA VAL A 85 3.14 -2.64 5.14
C VAL A 85 4.39 -3.51 5.20
N ILE A 86 5.43 -3.05 5.88
CA ILE A 86 6.59 -3.93 6.13
C ILE A 86 6.28 -5.21 6.94
N GLY A 87 5.60 -5.06 8.08
CA GLY A 87 5.15 -6.25 8.86
C GLY A 87 4.28 -7.17 7.99
N PHE A 88 3.42 -6.58 7.17
CA PHE A 88 2.63 -7.40 6.23
C PHE A 88 3.53 -8.16 5.26
N ALA A 89 4.38 -7.43 4.57
CA ALA A 89 5.28 -8.03 3.56
C ALA A 89 6.15 -9.18 4.04
N LYS A 90 6.66 -9.05 5.25
CA LYS A 90 7.47 -10.11 5.89
C LYS A 90 6.79 -11.49 6.04
N MET A 91 5.47 -11.52 6.09
CA MET A 91 4.74 -12.78 6.24
CA MET A 91 4.72 -12.76 6.24
C MET A 91 4.38 -13.40 4.88
N ILE A 92 4.75 -12.73 3.78
CA ILE A 92 4.35 -13.22 2.46
C ILE A 92 5.12 -14.50 2.20
N PRO A 93 4.41 -15.62 2.01
CA PRO A 93 5.11 -16.85 1.72
C PRO A 93 6.10 -16.64 0.61
N GLY A 94 7.36 -16.98 0.89
CA GLY A 94 8.47 -16.84 -0.04
C GLY A 94 9.33 -15.59 0.15
N PHE A 95 8.76 -14.54 0.73
CA PHE A 95 9.45 -13.25 0.80
C PHE A 95 10.78 -13.34 1.50
N ARG A 96 10.78 -14.11 2.59
CA ARG A 96 11.94 -14.49 3.42
CA ARG A 96 12.00 -14.31 3.40
C ARG A 96 13.17 -14.98 2.62
N ASP A 97 12.87 -15.74 1.58
CA ASP A 97 13.88 -16.44 0.78
C ASP A 97 14.70 -15.47 -0.08
N LEU A 98 14.26 -14.22 -0.19
CA LEU A 98 14.94 -13.25 -1.06
C LEU A 98 16.13 -12.66 -0.33
N THR A 99 17.04 -12.04 -1.07
CA THR A 99 18.12 -11.30 -0.43
C THR A 99 17.54 -10.06 0.25
N SER A 100 18.25 -9.60 1.25
CA SER A 100 17.87 -8.43 2.00
C SER A 100 17.83 -7.21 1.03
N ASP A 101 18.76 -7.20 0.09
CA ASP A 101 18.77 -6.16 -0.94
C ASP A 101 17.51 -6.17 -1.83
N ASP A 102 17.06 -7.36 -2.23
CA ASP A 102 15.83 -7.49 -2.99
C ASP A 102 14.60 -7.11 -2.15
N GLN A 103 14.58 -7.48 -0.86
CA GLN A 103 13.46 -7.13 0.02
C GLN A 103 13.32 -5.64 0.15
N ILE A 104 14.44 -4.94 0.27
CA ILE A 104 14.45 -3.52 0.35
C ILE A 104 13.93 -2.83 -0.91
N VAL A 105 14.48 -3.26 -2.04
CA VAL A 105 14.04 -2.76 -3.32
C VAL A 105 12.53 -2.95 -3.55
N LEU A 106 12.04 -4.15 -3.29
CA LEU A 106 10.60 -4.44 -3.42
C LEU A 106 9.77 -3.51 -2.55
N LEU A 107 10.21 -3.32 -1.33
CA LEU A 107 9.38 -2.52 -0.41
C LEU A 107 9.42 -1.02 -0.68
N LYS A 108 10.60 -0.56 -1.03
CA LYS A 108 10.78 0.84 -1.42
C LYS A 108 9.95 1.23 -2.60
N SER A 109 9.84 0.33 -3.58
CA SER A 109 9.13 0.69 -4.79
C SER A 109 7.60 0.43 -4.65
N SER A 110 7.19 -0.50 -3.80
CA SER A 110 5.74 -0.75 -3.55
C SER A 110 5.04 -0.02 -2.41
N ALA A 111 5.78 0.55 -1.47
CA ALA A 111 5.17 1.03 -0.25
C ALA A 111 4.02 1.92 -0.52
N ILE A 112 4.24 2.94 -1.36
CA ILE A 112 3.16 3.87 -1.63
C ILE A 112 1.93 3.18 -2.27
N GLU A 113 2.19 2.20 -3.11
CA GLU A 113 1.16 1.51 -3.86
C GLU A 113 0.36 0.64 -2.88
N VAL A 114 1.03 -0.09 -1.98
CA VAL A 114 0.32 -0.88 -0.98
C VAL A 114 -0.40 0.04 -0.01
N ILE A 115 0.17 1.20 0.28
CA ILE A 115 -0.54 2.13 1.10
C ILE A 115 -1.84 2.55 0.39
N MET A 116 -1.75 2.84 -0.90
CA MET A 116 -2.94 3.25 -1.64
C MET A 116 -3.92 2.13 -1.61
N LEU A 117 -3.47 0.89 -1.86
CA LEU A 117 -4.37 -0.26 -1.83
C LEU A 117 -5.03 -0.53 -0.46
N ARG A 118 -4.23 -0.55 0.62
CA ARG A 118 -4.76 -0.83 1.96
C ARG A 118 -5.68 0.29 2.43
N SER A 119 -5.46 1.51 1.94
CA SER A 119 -6.37 2.63 2.29
C SER A 119 -7.80 2.41 1.82
N ASN A 120 -7.98 1.58 0.79
CA ASN A 120 -9.31 1.35 0.21
C ASN A 120 -10.30 0.86 1.26
N GLN A 121 -9.79 0.15 2.26
CA GLN A 121 -10.60 -0.34 3.34
C GLN A 121 -11.26 0.81 4.14
N SER A 122 -10.59 1.94 4.31
CA SER A 122 -11.23 3.10 5.00
C SER A 122 -11.87 4.13 4.05
N PHE A 123 -11.66 3.98 2.75
CA PHE A 123 -12.20 4.91 1.79
C PHE A 123 -13.70 4.63 1.56
N THR A 124 -14.49 5.69 1.50
CA THR A 124 -15.93 5.51 1.28
C THR A 124 -16.44 6.34 0.11
N MET A 125 -17.21 5.69 -0.75
CA MET A 125 -17.82 6.38 -1.88
C MET A 125 -18.97 7.34 -1.45
N ASP A 126 -19.50 7.17 -0.24
CA ASP A 126 -20.56 8.06 0.27
C ASP A 126 -20.16 9.52 0.12
N ASP A 127 -18.91 9.85 0.41
CA ASP A 127 -18.43 11.21 0.13
C ASP A 127 -16.96 11.28 -0.30
N MET A 128 -16.44 10.22 -0.87
CA MET A 128 -15.07 10.25 -1.45
C MET A 128 -14.04 10.74 -0.41
N SER A 129 -14.03 10.06 0.72
CA SER A 129 -13.10 10.35 1.76
C SER A 129 -12.71 9.07 2.49
N TRP A 130 -11.61 9.19 3.20
CA TRP A 130 -11.09 8.11 3.99
C TRP A 130 -11.58 8.27 5.43
N ASP A 131 -12.50 7.42 5.84
CA ASP A 131 -13.14 7.61 7.13
C ASP A 131 -12.48 6.63 8.08
N CYS A 132 -11.63 7.18 8.94
CA CYS A 132 -10.94 6.37 9.98
C CYS A 132 -11.50 6.56 11.42
N GLY A 133 -12.78 6.23 11.64
CA GLY A 133 -13.43 6.36 12.97
C GLY A 133 -14.16 7.68 13.22
N SER A 134 -13.37 8.74 13.43
CA SER A 134 -13.81 10.08 13.82
C SER A 134 -13.53 11.14 12.75
N GLN A 135 -14.15 12.31 12.89
CA GLN A 135 -14.00 13.45 11.96
C GLN A 135 -12.60 14.06 12.01
N ASP A 136 -11.98 13.99 13.20
CA ASP A 136 -10.56 14.28 13.34
C ASP A 136 -9.73 13.48 12.31
N TYR A 137 -10.08 12.20 12.12
CA TYR A 137 -9.36 11.29 11.24
C TYR A 137 -10.24 10.86 10.03
N LYS A 138 -10.84 11.85 9.38
CA LYS A 138 -11.64 11.62 8.20
C LYS A 138 -11.04 12.58 7.21
N TYR A 139 -10.39 12.04 6.17
CA TYR A 139 -9.60 12.84 5.24
C TYR A 139 -10.23 12.92 3.87
N ASP A 140 -10.33 14.14 3.34
CA ASP A 140 -10.90 14.36 1.99
C ASP A 140 -9.89 15.10 1.15
N VAL A 141 -10.30 15.45 -0.05
CA VAL A 141 -9.39 16.08 -1.00
C VAL A 141 -8.69 17.32 -0.42
N THR A 142 -9.42 18.12 0.34
CA THR A 142 -8.89 19.38 0.87
C THR A 142 -7.73 19.13 1.86
N ASP A 143 -7.94 18.14 2.70
CA ASP A 143 -6.92 17.71 3.65
C ASP A 143 -5.68 17.25 2.97
N VAL A 144 -5.84 16.41 1.94
CA VAL A 144 -4.69 15.90 1.17
C VAL A 144 -3.99 17.05 0.52
N SER A 145 -4.78 17.98 -0.03
CA SER A 145 -4.26 19.22 -0.59
C SER A 145 -3.41 20.05 0.41
N LYS A 146 -3.79 20.07 1.66
CA LYS A 146 -3.02 20.75 2.67
C LYS A 146 -1.82 19.93 3.15
N ALA A 147 -1.54 18.79 2.52
CA ALA A 147 -0.30 18.09 2.77
C ALA A 147 0.72 18.29 1.62
N GLY A 148 0.48 19.30 0.75
CA GLY A 148 1.41 19.70 -0.33
C GLY A 148 1.19 19.11 -1.73
N HIS A 149 -0.06 18.77 -2.02
CA HIS A 149 -0.40 18.13 -3.30
C HIS A 149 -1.55 18.90 -3.91
N THR A 150 -1.41 19.33 -5.15
CA THR A 150 -2.54 20.06 -5.72
C THR A 150 -3.74 19.13 -5.91
N LEU A 151 -4.95 19.70 -5.79
CA LEU A 151 -6.21 18.96 -6.01
C LEU A 151 -6.29 18.27 -7.36
N GLU A 152 -5.46 18.70 -8.30
CA GLU A 152 -5.44 18.12 -9.60
C GLU A 152 -4.77 16.77 -9.65
N LEU A 153 -3.61 16.64 -9.00
CA LEU A 153 -2.90 15.33 -8.94
C LEU A 153 -3.50 14.32 -7.98
N ILE A 154 -4.35 14.82 -7.10
CA ILE A 154 -5.08 13.98 -6.14
C ILE A 154 -6.30 13.28 -6.76
N GLU A 155 -6.89 13.87 -7.79
CA GLU A 155 -8.08 13.32 -8.38
C GLU A 155 -7.89 11.90 -8.90
N PRO A 156 -6.77 11.60 -9.61
CA PRO A 156 -6.63 10.21 -10.08
C PRO A 156 -6.52 9.21 -8.92
N LEU A 157 -5.94 9.64 -7.79
CA LEU A 157 -5.98 8.81 -6.60
C LEU A 157 -7.40 8.46 -6.16
N ILE A 158 -8.33 9.44 -6.21
CA ILE A 158 -9.75 9.21 -5.88
C ILE A 158 -10.38 8.25 -6.86
N LYS A 159 -10.19 8.54 -8.16
CA LYS A 159 -10.74 7.68 -9.23
C LYS A 159 -10.23 6.25 -9.07
N PHE A 160 -8.97 6.11 -8.68
CA PHE A 160 -8.46 4.77 -8.32
C PHE A 160 -9.24 4.13 -7.18
N GLN A 161 -9.38 4.83 -6.07
CA GLN A 161 -10.17 4.30 -4.90
C GLN A 161 -11.62 3.92 -5.31
N VAL A 162 -12.22 4.74 -6.13
CA VAL A 162 -13.59 4.46 -6.56
C VAL A 162 -13.63 3.15 -7.32
N GLY A 163 -12.73 2.97 -8.28
CA GLY A 163 -12.85 1.79 -9.13
C GLY A 163 -12.42 0.57 -8.38
N LEU A 164 -11.48 0.72 -7.45
CA LEU A 164 -11.13 -0.42 -6.59
C LEU A 164 -12.29 -0.82 -5.63
N LYS A 165 -12.96 0.19 -5.02
CA LYS A 165 -14.04 -0.09 -4.07
C LYS A 165 -15.17 -0.86 -4.78
N LYS A 166 -15.43 -0.52 -6.04
CA LYS A 166 -16.50 -1.16 -6.83
C LYS A 166 -16.23 -2.60 -7.14
N LEU A 167 -14.98 -3.00 -7.16
CA LEU A 167 -14.69 -4.41 -7.29
C LEU A 167 -15.20 -5.21 -6.08
N ASN A 168 -15.46 -4.54 -4.96
CA ASN A 168 -15.99 -5.24 -3.79
C ASN A 168 -15.18 -6.49 -3.51
N LEU A 169 -13.88 -6.36 -3.52
CA LEU A 169 -13.08 -7.58 -3.37
C LEU A 169 -13.40 -8.30 -2.06
N HIS A 170 -13.27 -9.63 -2.04
CA HIS A 170 -13.27 -10.34 -0.80
C HIS A 170 -11.96 -9.96 -0.09
N GLU A 171 -11.98 -9.95 1.23
CA GLU A 171 -10.78 -9.76 2.00
C GLU A 171 -9.64 -10.67 1.52
N GLU A 172 -9.94 -11.88 1.07
CA GLU A 172 -8.93 -12.79 0.54
C GLU A 172 -8.23 -12.24 -0.72
N GLU A 173 -9.01 -11.61 -1.58
CA GLU A 173 -8.51 -11.02 -2.82
C GLU A 173 -7.65 -9.74 -2.56
N HIS A 174 -8.15 -8.97 -1.60
CA HIS A 174 -7.49 -7.78 -1.12
C HIS A 174 -6.02 -8.06 -0.69
N VAL A 175 -5.82 -9.08 0.17
CA VAL A 175 -4.52 -9.38 0.71
C VAL A 175 -3.64 -10.02 -0.33
N LEU A 176 -4.24 -10.83 -1.19
CA LEU A 176 -3.50 -11.39 -2.31
C LEU A 176 -3.00 -10.30 -3.26
N LEU A 177 -3.84 -9.33 -3.53
CA LEU A 177 -3.46 -8.24 -4.40
C LEU A 177 -2.32 -7.39 -3.82
N MET A 178 -2.33 -7.13 -2.51
CA MET A 178 -1.27 -6.39 -1.86
C MET A 178 0.02 -7.21 -1.93
N ALA A 179 -0.06 -8.53 -1.66
CA ALA A 179 1.15 -9.38 -1.74
C ALA A 179 1.73 -9.47 -3.18
N ILE A 180 0.86 -9.62 -4.17
CA ILE A 180 1.28 -9.66 -5.57
C ILE A 180 1.94 -8.34 -5.93
N CYS A 181 1.39 -7.24 -5.46
CA CYS A 181 1.96 -5.91 -5.72
C CYS A 181 3.39 -5.80 -5.15
N ILE A 182 3.59 -6.29 -3.94
CA ILE A 182 4.92 -6.21 -3.30
C ILE A 182 6.00 -7.04 -4.06
N VAL A 183 5.63 -8.25 -4.43
CA VAL A 183 6.54 -9.16 -5.09
C VAL A 183 6.44 -9.03 -6.61
N SER A 184 6.84 -7.87 -7.13
CA SER A 184 6.82 -7.64 -8.58
C SER A 184 8.23 -7.67 -9.13
N PRO A 185 8.48 -8.55 -10.12
CA PRO A 185 9.88 -8.77 -10.57
C PRO A 185 10.46 -7.64 -11.42
N ASP A 186 9.61 -6.79 -11.98
CA ASP A 186 10.08 -5.70 -12.82
C ASP A 186 10.43 -4.44 -12.08
N ARG A 187 10.51 -4.47 -10.78
CA ARG A 187 10.82 -3.24 -10.11
C ARG A 187 12.27 -2.90 -10.48
N PRO A 188 12.56 -1.64 -10.79
CA PRO A 188 13.96 -1.32 -11.00
C PRO A 188 14.85 -1.70 -9.81
N GLY A 189 16.04 -2.17 -10.13
CA GLY A 189 17.05 -2.49 -9.13
C GLY A 189 16.95 -3.91 -8.62
N VAL A 190 16.02 -4.71 -9.15
CA VAL A 190 15.89 -6.08 -8.63
C VAL A 190 17.03 -6.97 -9.18
N GLN A 191 17.63 -7.77 -8.28
CA GLN A 191 18.73 -8.70 -8.58
C GLN A 191 18.20 -10.03 -9.05
N ASP A 192 17.65 -10.80 -8.13
CA ASP A 192 17.09 -12.10 -8.46
C ASP A 192 15.62 -12.03 -8.96
N ALA A 193 15.42 -11.34 -10.07
CA ALA A 193 14.10 -11.20 -10.70
C ALA A 193 13.40 -12.54 -10.92
N LYS A 194 14.20 -13.54 -11.29
CA LYS A 194 13.71 -14.90 -11.51
C LYS A 194 12.95 -15.40 -10.29
N LEU A 195 13.55 -15.27 -9.12
CA LEU A 195 12.90 -15.72 -7.89
C LEU A 195 11.68 -14.85 -7.50
N VAL A 196 11.78 -13.53 -7.65
CA VAL A 196 10.62 -12.65 -7.39
C VAL A 196 9.44 -13.18 -8.22
N GLU A 197 9.65 -13.34 -9.54
CA GLU A 197 8.62 -13.93 -10.44
C GLU A 197 8.08 -15.26 -9.90
N ALA A 198 8.98 -16.14 -9.49
CA ALA A 198 8.52 -17.44 -8.95
C ALA A 198 7.60 -17.26 -7.76
N ILE A 199 7.95 -16.33 -6.89
CA ILE A 199 7.11 -16.09 -5.71
C ILE A 199 5.77 -15.45 -6.11
N GLN A 200 5.84 -14.42 -6.95
CA GLN A 200 4.62 -13.80 -7.47
C GLN A 200 3.67 -14.77 -8.20
N ASP A 201 4.19 -15.64 -9.06
CA ASP A 201 3.33 -16.63 -9.77
C ASP A 201 2.55 -17.49 -8.80
N ARG A 202 3.23 -17.94 -7.75
CA ARG A 202 2.59 -18.74 -6.76
C ARG A 202 1.38 -18.00 -6.24
N LEU A 203 1.57 -16.72 -5.97
CA LEU A 203 0.46 -15.89 -5.47
C LEU A 203 -0.61 -15.59 -6.54
N SER A 204 -0.21 -15.25 -7.77
CA SER A 204 -1.17 -15.03 -8.90
C SER A 204 -2.13 -16.22 -9.11
N ASN A 205 -1.55 -17.39 -9.40
CA ASN A 205 -2.32 -18.65 -9.57
C ASN A 205 -3.24 -18.93 -8.37
N THR A 206 -2.78 -18.58 -7.17
CA THR A 206 -3.60 -18.72 -5.97
C THR A 206 -4.85 -17.86 -6.06
N LEU A 207 -4.66 -16.62 -6.53
CA LEU A 207 -5.75 -15.65 -6.69
C LEU A 207 -6.69 -16.07 -7.83
N GLN A 208 -6.11 -16.41 -8.96
CA GLN A 208 -6.88 -16.85 -10.14
C GLN A 208 -7.74 -18.02 -9.73
N THR A 209 -7.13 -18.96 -9.01
CA THR A 209 -7.85 -20.16 -8.57
C THR A 209 -8.84 -19.81 -7.48
N TYR A 210 -8.49 -18.88 -6.62
CA TYR A 210 -9.44 -18.48 -5.58
C TYR A 210 -10.71 -17.90 -6.20
N ILE A 211 -10.57 -17.02 -7.17
CA ILE A 211 -11.73 -16.36 -7.76
C ILE A 211 -12.65 -17.37 -8.46
N ARG A 212 -12.07 -18.23 -9.28
CA ARG A 212 -12.88 -19.20 -10.02
C ARG A 212 -13.71 -20.05 -9.07
N CYS A 213 -13.01 -20.63 -8.08
CA CYS A 213 -13.64 -21.50 -7.06
C CYS A 213 -14.47 -20.79 -5.99
N ARG A 214 -14.17 -19.54 -5.66
CA ARG A 214 -14.84 -18.96 -4.48
C ARG A 214 -15.66 -17.72 -4.77
N HIS A 215 -15.47 -17.08 -5.92
CA HIS A 215 -16.10 -15.78 -6.17
C HIS A 215 -17.22 -15.98 -7.15
N PRO A 216 -18.44 -15.69 -6.72
CA PRO A 216 -19.56 -16.07 -7.56
C PRO A 216 -19.80 -15.00 -8.59
N PRO A 217 -20.51 -15.35 -9.68
CA PRO A 217 -20.90 -14.35 -10.67
C PRO A 217 -22.03 -13.42 -10.17
N PRO A 218 -22.18 -12.22 -10.78
CA PRO A 218 -21.33 -11.68 -11.84
C PRO A 218 -20.07 -10.95 -11.35
N GLY A 219 -19.86 -10.83 -10.05
CA GLY A 219 -18.70 -10.10 -9.51
C GLY A 219 -17.36 -10.64 -9.94
N SER A 220 -17.33 -11.90 -10.30
CA SER A 220 -16.12 -12.57 -10.71
C SER A 220 -15.78 -12.35 -12.15
N HIS A 221 -16.67 -11.65 -12.86
CA HIS A 221 -16.51 -11.49 -14.27
C HIS A 221 -15.22 -10.74 -14.52
N GLN A 222 -14.23 -11.46 -15.03
CA GLN A 222 -12.94 -10.92 -15.39
C GLN A 222 -12.27 -10.21 -14.25
N LEU A 223 -12.53 -10.69 -13.06
CA LEU A 223 -12.17 -9.97 -11.86
C LEU A 223 -10.66 -9.99 -11.73
N TYR A 224 -10.04 -11.06 -12.18
CA TYR A 224 -8.62 -11.11 -12.15
C TYR A 224 -8.03 -9.97 -12.95
N ALA A 225 -8.41 -9.96 -14.23
CA ALA A 225 -7.89 -9.03 -15.21
C ALA A 225 -8.06 -7.60 -14.69
N LYS A 226 -9.19 -7.33 -14.05
CA LYS A 226 -9.43 -6.00 -13.50
C LYS A 226 -8.54 -5.72 -12.25
N MET A 227 -8.23 -6.75 -11.47
CA MET A 227 -7.34 -6.63 -10.32
C MET A 227 -5.92 -6.28 -10.81
N ILE A 228 -5.43 -7.03 -11.78
CA ILE A 228 -4.17 -6.75 -12.45
C ILE A 228 -4.13 -5.36 -13.11
N GLN A 229 -5.22 -4.92 -13.72
CA GLN A 229 -5.29 -3.54 -14.23
C GLN A 229 -5.01 -2.50 -13.11
N LYS A 230 -5.46 -2.75 -11.90
CA LYS A 230 -5.24 -1.79 -10.79
C LYS A 230 -3.78 -1.71 -10.43
N LEU A 231 -3.09 -2.84 -10.50
CA LEU A 231 -1.64 -2.84 -10.39
C LEU A 231 -0.93 -2.00 -11.43
N ALA A 232 -1.45 -1.99 -12.66
CA ALA A 232 -0.99 -1.06 -13.72
C ALA A 232 -1.31 0.39 -13.41
N ASP A 233 -2.52 0.67 -12.93
CA ASP A 233 -2.84 2.05 -12.58
C ASP A 233 -1.94 2.55 -11.43
N LEU A 234 -1.69 1.67 -10.45
CA LEU A 234 -0.81 2.01 -9.32
C LEU A 234 0.60 2.39 -9.80
N ARG A 235 1.12 1.76 -10.86
CA ARG A 235 2.45 2.15 -11.38
C ARG A 235 2.42 3.60 -11.82
N SER A 236 1.42 3.94 -12.61
CA SER A 236 1.21 5.34 -12.96
C SER A 236 1.13 6.29 -11.73
N LEU A 237 0.25 5.99 -10.80
CA LEU A 237 0.18 6.73 -9.54
C LEU A 237 1.52 6.76 -8.76
N ASN A 238 2.22 5.66 -8.77
CA ASN A 238 3.52 5.69 -8.14
C ASN A 238 4.46 6.77 -8.74
N GLU A 239 4.55 6.76 -10.07
CA GLU A 239 5.41 7.71 -10.82
C GLU A 239 5.05 9.15 -10.47
N GLU A 240 3.76 9.42 -10.53
CA GLU A 240 3.26 10.73 -10.21
C GLU A 240 3.61 11.06 -8.75
N HIS A 241 3.49 10.09 -7.86
CA HIS A 241 3.81 10.32 -6.46
C HIS A 241 5.28 10.71 -6.28
N SER A 242 6.17 9.92 -6.87
CA SER A 242 7.62 10.19 -6.86
C SER A 242 8.03 11.57 -7.35
N LYS A 243 7.39 12.02 -8.40
CA LYS A 243 7.66 13.31 -9.02
C LYS A 243 7.26 14.43 -8.05
N GLN A 244 6.06 14.27 -7.49
CA GLN A 244 5.54 15.22 -6.53
C GLN A 244 6.31 15.18 -5.18
N TYR A 245 6.67 13.99 -4.71
CA TYR A 245 7.50 13.87 -3.52
C TYR A 245 8.92 14.42 -3.76
N ARG A 246 9.45 14.25 -4.96
CA ARG A 246 10.71 14.89 -5.31
C ARG A 246 10.64 16.42 -5.20
N SER A 247 9.54 17.02 -5.61
CA SER A 247 9.48 18.48 -5.59
C SER A 247 9.31 18.95 -4.14
N LEU A 248 8.39 18.29 -3.43
CA LEU A 248 8.11 18.59 -2.03
C LEU A 248 9.37 18.43 -1.17
N SER A 249 9.97 17.25 -1.19
CA SER A 249 11.13 16.97 -0.35
C SER A 249 12.33 17.89 -0.68
N PHE A 250 12.43 18.37 -1.93
CA PHE A 250 13.56 19.24 -2.31
C PHE A 250 13.60 20.54 -1.52
N GLN A 251 12.47 20.93 -0.97
CA GLN A 251 12.36 22.04 -0.04
C GLN A 251 12.73 21.59 1.41
N PRO A 252 13.99 21.82 1.85
CA PRO A 252 14.42 21.27 3.12
C PRO A 252 13.49 21.61 4.30
N GLU A 253 12.83 22.76 4.27
CA GLU A 253 11.85 23.11 5.33
C GLU A 253 10.64 22.21 5.39
N ASN A 254 10.31 21.56 4.26
CA ASN A 254 9.22 20.57 4.18
C ASN A 254 9.63 19.17 4.57
N SER A 255 10.79 18.79 4.06
CA SER A 255 11.40 17.53 4.39
C SER A 255 11.68 17.45 5.90
N MET A 256 11.91 18.58 6.54
CA MET A 256 12.09 18.64 7.96
C MET A 256 10.85 18.11 8.68
N LYS A 257 9.66 18.32 8.11
CA LYS A 257 8.40 17.93 8.77
C LYS A 257 8.05 16.43 8.57
N LEU A 258 8.86 15.72 7.78
CA LEU A 258 8.61 14.27 7.51
C LEU A 258 9.15 13.39 8.68
N THR A 259 9.16 12.07 8.50
CA THR A 259 9.73 11.20 9.50
C THR A 259 11.02 10.58 8.99
N PRO A 260 11.81 10.01 9.89
CA PRO A 260 13.01 9.40 9.38
C PRO A 260 12.70 8.18 8.48
N LEU A 261 11.69 7.42 8.81
CA LEU A 261 11.36 6.27 7.94
C LEU A 261 10.90 6.73 6.58
N VAL A 262 10.08 7.77 6.52
CA VAL A 262 9.61 8.25 5.22
C VAL A 262 10.84 8.71 4.44
N LEU A 263 11.72 9.53 5.03
CA LEU A 263 12.91 9.95 4.27
C LEU A 263 13.72 8.79 3.73
N GLU A 264 13.87 7.76 4.55
CA GLU A 264 14.65 6.62 4.17
C GLU A 264 13.93 5.85 3.03
N VAL A 265 12.63 5.62 3.18
CA VAL A 265 11.89 4.77 2.22
C VAL A 265 11.56 5.53 0.93
N PHE A 266 10.98 6.71 1.05
CA PHE A 266 10.62 7.45 -0.14
C PHE A 266 11.78 8.23 -0.73
N GLY A 267 12.87 8.40 0.02
CA GLY A 267 14.06 9.11 -0.46
C GLY A 267 14.29 10.41 0.27
N ASN A 268 15.49 10.96 0.12
CA ASN A 268 15.88 12.16 0.88
C ASN A 268 16.07 13.44 0.04
N LYS B 1 22.76 4.27 1.91
CA LYS B 1 21.47 3.62 1.62
C LYS B 1 21.71 2.15 1.21
N ASN B 2 22.01 1.27 2.17
CA ASN B 2 22.13 1.59 3.62
C ASN B 2 20.91 2.30 4.24
N HIS B 3 19.78 1.59 4.24
CA HIS B 3 18.60 2.05 4.96
C HIS B 3 18.47 1.23 6.25
N PRO B 4 19.07 1.72 7.36
CA PRO B 4 19.06 0.81 8.50
C PRO B 4 17.71 0.60 9.16
N MET B 5 16.85 1.60 9.09
CA MET B 5 15.49 1.51 9.69
C MET B 5 14.60 0.43 9.07
N LEU B 6 14.52 0.47 7.75
CA LEU B 6 13.81 -0.54 6.94
C LEU B 6 14.38 -1.94 7.23
N MET B 7 15.69 -2.07 7.11
CA MET B 7 16.36 -3.36 7.34
C MET B 7 16.07 -3.93 8.70
N ASN B 8 16.08 -3.07 9.72
CA ASN B 8 15.66 -3.47 11.05
C ASN B 8 14.17 -3.82 11.15
N LEU B 9 13.29 -3.14 10.45
CA LEU B 9 11.89 -3.60 10.51
C LEU B 9 11.71 -4.90 9.74
N LEU B 10 12.62 -5.17 8.82
CA LEU B 10 12.56 -6.42 8.04
C LEU B 10 13.06 -7.63 8.83
N LYS B 11 13.79 -7.39 9.91
CA LYS B 11 14.42 -8.45 10.70
C LYS B 11 15.88 -8.08 10.73
O33 YSL C . 3.74 10.94 0.19
O33 YSL C . -1.04 11.33 -4.11
O33 YSL C . -1.03 11.32 -4.08
C26 YSL C . 2.42 10.44 0.42
C26 YSL C . -0.21 11.52 -2.97
C26 YSL C . -0.19 11.52 -2.94
C25 YSL C . 1.40 11.41 -0.16
C25 YSL C . -1.00 11.23 -1.70
C25 YSL C . -0.98 11.26 -1.66
C20 YSL C . 0.06 10.73 -0.43
C20 YSL C . -0.15 11.29 -0.43
C20 YSL C . -0.12 11.29 -0.41
C21 YSL C . -0.71 11.53 -1.48
C21 YSL C . 1.22 10.67 -0.64
C21 YSL C . 1.24 10.63 -0.63
C22 YSL C . -0.23 11.15 -2.87
C22 YSL C . 2.10 10.80 0.59
C22 YSL C . 2.13 10.73 0.61
C23 YSL C . -1.31 11.36 -3.92
C23 YSL C . 3.58 10.80 0.24
C23 YSL C . 3.58 10.97 0.23
C24 YSL C . -0.73 11.96 -5.20
C24 YSL C . 4.28 12.07 0.70
C24 YSL C . 4.08 12.32 0.76
C31 YSL C . -0.30 10.86 -6.16
C31 YSL C . 3.78 12.59 2.05
C31 YSL C . 3.67 12.54 2.22
C32 YSL C . -1.47 10.42 -7.01
C32 YSL C . 3.98 11.59 3.17
C32 YSL C . 2.81 13.78 2.37
C18 YSL C . -0.76 10.58 0.83
C18 YSL C . -0.83 10.77 0.83
C18 YSL C . -0.82 10.77 0.86
C19 YSL C . -1.13 11.94 1.42
C19 YSL C . -1.22 11.96 1.72
C19 YSL C . -1.21 11.95 1.74
C17 YSL C . -2.01 9.76 0.56
C17 YSL C . -2.03 9.85 0.58
C17 YSL C . -2.01 9.85 0.59
C13 YSL C . -2.90 9.61 1.79
C13 YSL C . -2.92 9.67 1.78
C13 YSL C . -2.92 9.66 1.79
C34 YSL C . -2.06 9.29 3.02
C34 YSL C . -2.07 9.37 3.01
C34 YSL C . -2.06 9.36 3.02
C12 YSL C . -3.81 10.79 2.07
C12 YSL C . -3.87 10.82 2.07
C12 YSL C . -3.86 10.83 2.07
C11 YSL C . -4.72 10.47 3.25
C11 YSL C . -4.75 10.47 3.25
C11 YSL C . -4.75 10.47 3.25
C10 YSL C . -5.48 9.14 3.12
C10 YSL C . -5.49 9.14 3.10
C10 YSL C . -5.49 9.13 3.09
C9 YSL C . -4.60 8.05 2.56
C9 YSL C . -4.57 8.06 2.55
C9 YSL C . -4.57 8.07 2.54
C14 YSL C . -3.76 8.44 1.39
C14 YSL C . -3.75 8.47 1.38
C14 YSL C . -3.73 8.47 1.38
C15 YSL C . -2.80 7.43 0.77
C15 YSL C . -2.72 7.51 0.80
C15 YSL C . -2.72 7.51 0.80
C16 YSL C . -1.71 8.31 0.15
C16 YSL C . -1.65 8.41 0.20
C16 YSL C . -1.64 8.42 0.22
C8 YSL C . -4.57 6.83 3.10
C8 YSL C . -4.53 6.84 3.10
C8 YSL C . -4.52 6.84 3.09
C7 YSL C . -5.41 6.53 4.26
C7 YSL C . -5.38 6.54 4.25
C7 YSL C . -5.37 6.53 4.24
C6 YSL C . -5.08 5.63 5.20
C6 YSL C . -5.05 5.63 5.18
C6 YSL C . -5.05 5.63 5.18
C5 YSL C . -6.00 5.41 6.37
C5 YSL C . -5.99 5.41 6.35
C5 YSL C . -6.00 5.40 6.34
C4 YSL C . -6.17 3.94 6.70
C4 YSL C . -6.16 3.93 6.69
C4 YSL C . -6.16 3.94 6.68
O31 YSL C . -6.97 3.31 5.70
O31 YSL C . -6.96 3.31 5.69
O31 YSL C . -6.96 3.31 5.69
C3 YSL C . -4.85 3.25 6.74
C3 YSL C . -4.83 3.25 6.73
C3 YSL C . -4.84 3.26 6.73
C33 YSL C . -4.49 2.56 7.81
C33 YSL C . -4.49 2.56 7.81
C33 YSL C . -4.49 2.57 7.80
C2 YSL C . -3.95 3.39 5.55
C2 YSL C . -3.94 3.39 5.54
C2 YSL C . -3.94 3.39 5.54
O32 YSL C . -2.66 2.83 5.83
O32 YSL C . -2.65 2.82 5.83
O32 YSL C . -2.65 2.82 5.83
C1 YSL C . -3.78 4.84 5.11
C1 YSL C . -3.76 4.84 5.11
C1 YSL C . -3.76 4.84 5.11
#